data_6THY
#
_entry.id   6THY
#
_cell.length_a   45.228
_cell.length_b   73.129
_cell.length_c   140.180
_cell.angle_alpha   90.000
_cell.angle_beta   90.000
_cell.angle_gamma   90.000
#
_symmetry.space_group_name_H-M   'P 21 21 21'
#
loop_
_entity.id
_entity.type
_entity.pdbx_description
1 polymer BoNT/A3
2 branched 'N-acetyl-alpha-neuraminic acid-(2-3)-beta-D-galactopyranose-(1-3)-2-acetamido-2-deoxy-beta-D-galactopyranose-(1-4)-beta-D-galactopyranose-(1-4)-beta-D-glucopyranose'
3 non-polymer 'HEXAETHYLENE GLYCOL'
4 non-polymer 1,2-ETHANEDIOL
5 non-polymer 'ACETATE ION'
6 non-polymer DI(HYDROXYETHYL)ETHER
7 water water
#
_entity_poly.entity_id   1
_entity_poly.type   'polypeptide(L)'
_entity_poly.pdbx_seq_one_letter_code
;MHHHHHHKNIVNTSILSIVYKKDDLIDLSRYGAKINIGDRVYYDSIDKNQIKLINLESSTIEVILKNAIVYNSMYENFST
SFWIKIPKYFSKINLNNEYTIINCIENNSGWKVSLNYGEIIWTLQDNKQNIQRVVFKYSQMVNISDYINRWMFVTITNNR
LTKSKIYINGRLIDQKPISNLGNIHASNKIMFKLDGCRDPRRYIMIKYFNLFDKELNEKEIKDLYDSQSNPGILKDFWGN
YLQYDKPYYMLNLFDPNKYVDVNNIGIRGYMYLKGPRGSVMTTNIYLNSTLYMGTKFIIKKYASGNEDNIVRNNDRVYIN
VVVKNKEYRLATNASQAGVEKILSALEIPDVGNLSQVVVMKSKDDQGIRNKCKMNLQDNNGNDIGFVGFHLYDNIAKLVA
SNWYNRQVGKASRTFGCSWEFIPVDDGWGESSL
;
_entity_poly.pdbx_strand_id   AAA
#
loop_
_chem_comp.id
_chem_comp.type
_chem_comp.name
_chem_comp.formula
ACT non-polymer 'ACETATE ION' 'C2 H3 O2 -1'
BGC D-saccharide, beta linking beta-D-glucopyranose 'C6 H12 O6'
EDO non-polymer 1,2-ETHANEDIOL 'C2 H6 O2'
GAL D-saccharide, beta linking beta-D-galactopyranose 'C6 H12 O6'
NGA D-saccharide, beta linking 2-acetamido-2-deoxy-beta-D-galactopyranose 'C8 H15 N O6'
P6G non-polymer 'HEXAETHYLENE GLYCOL' 'C12 H26 O7'
PEG non-polymer DI(HYDROXYETHYL)ETHER 'C4 H10 O3'
SIA D-saccharide, alpha linking 'N-acetyl-alpha-neuraminic acid' 'C11 H19 N O9'
#
# COMPACT_ATOMS: atom_id res chain seq x y z
N ASN A 12 -23.61 -6.70 8.56
CA ASN A 12 -22.45 -6.09 9.27
C ASN A 12 -22.34 -6.71 10.64
N THR A 13 -21.31 -7.54 10.84
CA THR A 13 -21.16 -8.33 12.08
C THR A 13 -20.00 -7.68 12.85
N SER A 14 -19.65 -6.46 12.44
CA SER A 14 -18.59 -5.63 13.06
C SER A 14 -19.10 -5.10 14.40
N ILE A 15 -18.33 -5.35 15.48
CA ILE A 15 -18.60 -4.97 16.89
C ILE A 15 -17.57 -3.92 17.35
N LEU A 16 -16.71 -3.46 16.43
CA LEU A 16 -15.78 -2.32 16.63
C LEU A 16 -15.35 -1.89 15.24
N SER A 17 -15.46 -0.60 14.93
CA SER A 17 -15.08 -0.05 13.60
C SER A 17 -14.55 1.35 13.82
N ILE A 18 -13.24 1.48 13.83
CA ILE A 18 -12.60 2.78 14.20
C ILE A 18 -12.36 3.58 12.93
N VAL A 19 -12.72 4.87 12.97
CA VAL A 19 -12.46 5.83 11.86
C VAL A 19 -12.09 7.18 12.47
N TYR A 20 -11.39 7.98 11.68
CA TYR A 20 -11.05 9.38 12.01
C TYR A 20 -12.30 10.26 11.93
N LYS A 21 -12.47 11.12 12.92
CA LYS A 21 -13.39 12.30 12.87
C LYS A 21 -12.80 13.43 13.71
N LYS A 22 -12.64 14.62 13.11
CA LYS A 22 -12.33 15.88 13.86
C LYS A 22 -11.20 15.70 14.88
N ASP A 23 -10.01 15.37 14.38
CA ASP A 23 -8.77 15.29 15.17
C ASP A 23 -8.94 14.28 16.30
N ASP A 24 -9.64 13.18 16.02
CA ASP A 24 -9.96 12.15 17.04
C ASP A 24 -10.29 10.84 16.29
N LEU A 25 -10.46 9.77 17.03
CA LEU A 25 -10.90 8.46 16.49
C LEU A 25 -12.19 8.09 17.21
N ILE A 26 -13.12 7.52 16.47
CA ILE A 26 -14.45 7.12 17.00
C ILE A 26 -14.72 5.69 16.59
N ASP A 27 -15.51 5.01 17.39
CA ASP A 27 -16.09 3.69 17.06
C ASP A 27 -17.47 3.89 16.43
N LEU A 28 -17.64 3.51 15.17
CA LEU A 28 -18.96 3.56 14.48
C LEU A 28 -19.89 2.43 14.93
N SER A 29 -19.42 1.42 15.65
CA SER A 29 -20.25 0.25 16.07
C SER A 29 -21.33 0.72 17.05
N ARG A 30 -22.37 -0.09 17.20
CA ARG A 30 -23.43 0.19 18.21
C ARG A 30 -22.85 0.02 19.62
N TYR A 31 -21.63 -0.51 19.80
CA TYR A 31 -21.07 -0.79 21.14
C TYR A 31 -20.24 0.38 21.64
N GLY A 32 -20.01 1.39 20.82
CA GLY A 32 -19.46 2.68 21.28
C GLY A 32 -18.25 2.54 22.17
N ALA A 33 -17.19 1.86 21.70
CA ALA A 33 -15.92 1.75 22.46
C ALA A 33 -15.38 3.14 22.82
N LYS A 34 -14.82 3.26 24.01
CA LYS A 34 -14.06 4.45 24.48
C LYS A 34 -12.64 4.38 23.91
N ILE A 35 -12.17 5.48 23.33
CA ILE A 35 -10.83 5.53 22.68
C ILE A 35 -9.99 6.63 23.32
N ASN A 36 -8.88 6.25 23.95
CA ASN A 36 -7.95 7.18 24.62
C ASN A 36 -6.68 7.27 23.77
N ILE A 37 -6.38 8.46 23.27
CA ILE A 37 -5.23 8.67 22.36
C ILE A 37 -4.13 9.40 23.10
N GLY A 38 -2.90 8.92 23.00
CA GLY A 38 -1.75 9.57 23.65
C GLY A 38 -1.37 10.85 22.92
N ASP A 39 -0.35 11.52 23.44
CA ASP A 39 0.17 12.82 22.96
C ASP A 39 1.04 12.67 21.71
N ARG A 40 1.54 11.47 21.41
CA ARG A 40 2.40 11.30 20.20
C ARG A 40 1.78 10.32 19.20
N VAL A 41 0.56 10.62 18.78
CA VAL A 41 -0.16 9.88 17.70
C VAL A 41 -0.40 10.89 16.56
N TYR A 42 -0.16 10.48 15.32
CA TYR A 42 -0.19 11.42 14.18
C TYR A 42 -1.10 10.91 13.06
N TYR A 43 -1.81 11.84 12.45
CA TYR A 43 -2.75 11.55 11.35
C TYR A 43 -2.11 12.11 10.11
N ASP A 44 -2.16 11.35 9.03
CA ASP A 44 -1.53 11.76 7.76
C ASP A 44 -2.19 13.03 7.21
N SER A 45 -1.41 13.91 6.59
CA SER A 45 -1.92 15.20 6.05
C SER A 45 -2.90 14.97 4.88
N ILE A 46 -2.75 13.90 4.11
CA ILE A 46 -3.51 13.71 2.83
C ILE A 46 -4.71 12.81 3.16
N ASP A 47 -4.48 11.74 3.93
CA ASP A 47 -5.55 10.82 4.33
C ASP A 47 -5.57 10.69 5.86
N LYS A 48 -6.50 11.40 6.50
CA LYS A 48 -6.51 11.53 7.98
C LYS A 48 -6.76 10.17 8.62
N ASN A 49 -7.30 9.20 7.90
CA ASN A 49 -7.52 7.86 8.51
C ASN A 49 -6.19 7.14 8.69
N GLN A 50 -5.11 7.56 8.03
CA GLN A 50 -3.79 6.92 8.23
C GLN A 50 -3.19 7.40 9.55
N ILE A 51 -3.12 6.48 10.51
CA ILE A 51 -2.61 6.76 11.87
C ILE A 51 -1.16 6.32 11.93
N LYS A 52 -0.26 7.17 12.44
CA LYS A 52 1.15 6.77 12.61
C LYS A 52 1.42 6.59 14.10
N LEU A 53 1.99 5.46 14.47
CA LEU A 53 2.48 5.20 15.83
C LEU A 53 3.99 5.06 15.72
N ILE A 54 4.71 5.74 16.62
CA ILE A 54 6.19 5.73 16.66
C ILE A 54 6.62 5.01 17.94
N ASN A 55 7.92 4.86 18.14
CA ASN A 55 8.49 4.03 19.24
C ASN A 55 8.72 4.93 20.46
N LEU A 56 7.64 5.46 21.02
CA LEU A 56 7.60 6.25 22.28
C LEU A 56 6.40 5.82 23.13
N GLU A 57 6.54 5.95 24.45
CA GLU A 57 5.53 5.53 25.45
C GLU A 57 4.22 6.31 25.27
N SER A 58 4.25 7.55 24.78
CA SER A 58 3.04 8.39 24.55
C SER A 58 2.40 8.13 23.17
N SER A 59 2.94 7.23 22.34
CA SER A 59 2.39 6.98 20.98
C SER A 59 1.46 5.77 21.13
N THR A 60 0.26 6.01 21.68
CA THR A 60 -0.66 4.94 22.12
C THR A 60 -2.09 5.27 21.71
N ILE A 61 -2.85 4.22 21.39
CA ILE A 61 -4.32 4.26 21.30
C ILE A 61 -4.84 3.15 22.20
N GLU A 62 -5.66 3.50 23.19
CA GLU A 62 -6.27 2.49 24.07
C GLU A 62 -7.74 2.44 23.77
N VAL A 63 -8.22 1.28 23.33
CA VAL A 63 -9.65 1.08 23.04
C VAL A 63 -10.24 0.27 24.20
N ILE A 64 -11.29 0.83 24.84
CA ILE A 64 -12.00 0.18 25.99
C ILE A 64 -13.34 -0.34 25.51
N LEU A 65 -13.46 -1.67 25.39
CA LEU A 65 -14.68 -2.34 24.89
C LEU A 65 -15.71 -2.40 26.04
N LYS A 66 -16.98 -2.26 25.70
CA LYS A 66 -18.09 -2.58 26.64
C LYS A 66 -17.91 -4.01 27.20
N ASN A 67 -18.24 -4.25 28.47
CA ASN A 67 -18.09 -5.60 29.11
C ASN A 67 -18.89 -6.65 28.31
N ALA A 68 -20.01 -6.26 27.70
CA ALA A 68 -20.94 -7.15 26.95
C ALA A 68 -20.26 -7.81 25.73
N ILE A 69 -19.19 -7.24 25.17
CA ILE A 69 -18.54 -7.76 23.92
C ILE A 69 -17.10 -8.20 24.22
N VAL A 70 -16.63 -8.10 25.45
CA VAL A 70 -15.31 -8.68 25.80
C VAL A 70 -15.30 -10.19 25.46
N TYR A 71 -14.24 -10.66 24.81
CA TYR A 71 -14.17 -12.07 24.33
C TYR A 71 -13.87 -12.99 25.53
N ASN A 72 -14.78 -13.93 25.84
CA ASN A 72 -14.58 -14.89 26.95
C ASN A 72 -15.26 -16.20 26.61
N SER A 73 -14.56 -17.07 25.92
CA SER A 73 -15.23 -18.24 25.28
C SER A 73 -14.23 -19.30 24.87
N MET A 74 -14.74 -20.52 24.86
CA MET A 74 -14.03 -21.64 24.25
C MET A 74 -14.53 -21.90 22.83
N TYR A 75 -15.67 -21.32 22.42
CA TYR A 75 -16.46 -21.82 21.26
C TYR A 75 -16.77 -20.70 20.27
N GLU A 76 -16.77 -19.42 20.70
CA GLU A 76 -17.32 -18.32 19.86
C GLU A 76 -16.27 -17.92 18.82
N ASN A 77 -16.67 -17.83 17.58
CA ASN A 77 -15.76 -17.53 16.45
C ASN A 77 -15.58 -16.01 16.38
N PHE A 78 -14.44 -15.52 15.90
CA PHE A 78 -14.21 -14.05 15.87
C PHE A 78 -13.11 -13.74 14.87
N SER A 79 -13.12 -12.51 14.36
CA SER A 79 -12.17 -12.03 13.31
C SER A 79 -11.77 -10.60 13.63
N THR A 80 -10.61 -10.22 13.14
CA THR A 80 -10.17 -8.80 13.15
C THR A 80 -9.72 -8.43 11.74
N SER A 81 -9.83 -7.16 11.40
CA SER A 81 -9.29 -6.65 10.12
C SER A 81 -8.68 -5.27 10.35
N PHE A 82 -7.65 -4.97 9.58
CA PHE A 82 -7.03 -3.62 9.65
C PHE A 82 -6.10 -3.51 8.47
N TRP A 83 -5.75 -2.27 8.13
CA TRP A 83 -4.71 -1.97 7.14
C TRP A 83 -3.44 -1.60 7.89
N ILE A 84 -2.29 -2.03 7.37
CA ILE A 84 -0.99 -1.71 8.01
C ILE A 84 0.04 -1.44 6.93
N LYS A 85 0.94 -0.50 7.23
CA LYS A 85 2.10 -0.19 6.36
C LYS A 85 3.36 -0.22 7.22
N ILE A 86 4.24 -1.15 6.94
CA ILE A 86 5.41 -1.48 7.80
C ILE A 86 6.64 -1.10 7.00
N PRO A 87 7.41 -0.08 7.46
CA PRO A 87 8.56 0.39 6.69
C PRO A 87 9.64 -0.70 6.60
N LYS A 88 10.52 -0.58 5.60
CA LYS A 88 11.60 -1.56 5.42
C LYS A 88 12.46 -1.65 6.67
N TYR A 89 12.86 -2.86 7.03
CA TYR A 89 13.80 -3.09 8.14
C TYR A 89 15.22 -2.87 7.59
N PHE A 90 16.00 -1.96 8.19
CA PHE A 90 17.33 -1.65 7.59
C PHE A 90 18.46 -1.88 8.60
N SER A 91 18.18 -2.30 9.83
CA SER A 91 19.19 -2.44 10.92
C SER A 91 19.29 -3.89 11.44
N LYS A 92 20.51 -4.31 11.79
CA LYS A 92 20.69 -5.64 12.40
C LYS A 92 19.93 -5.68 13.73
N ILE A 93 19.65 -4.56 14.39
CA ILE A 93 18.93 -4.62 15.70
C ILE A 93 17.47 -5.03 15.46
N ASN A 94 16.99 -5.03 14.22
CA ASN A 94 15.60 -5.51 13.90
C ASN A 94 15.52 -7.05 13.75
N LEU A 95 16.65 -7.73 13.57
N LEU A 95 16.65 -7.72 13.51
CA LEU A 95 16.65 -9.22 13.51
CA LEU A 95 16.66 -9.10 12.96
C LEU A 95 16.35 -9.76 14.91
C LEU A 95 15.91 -10.09 13.86
N ASN A 96 15.48 -10.76 15.02
N ASN A 96 16.02 -9.97 15.18
CA ASN A 96 15.17 -11.33 16.36
CA ASN A 96 15.46 -10.94 16.16
C ASN A 96 14.76 -10.22 17.32
C ASN A 96 14.77 -10.19 17.29
N ASN A 97 13.74 -9.40 16.98
CA ASN A 97 13.15 -8.47 17.96
C ASN A 97 11.64 -8.44 17.71
N GLU A 98 10.95 -9.45 18.26
CA GLU A 98 9.48 -9.48 18.20
C GLU A 98 8.97 -8.39 19.14
N TYR A 99 8.10 -7.52 18.63
CA TYR A 99 7.48 -6.44 19.40
C TYR A 99 5.96 -6.51 19.18
N THR A 100 5.20 -6.40 20.25
CA THR A 100 3.72 -6.29 20.20
C THR A 100 3.34 -4.96 19.54
N ILE A 101 2.28 -4.95 18.75
CA ILE A 101 1.70 -3.69 18.23
C ILE A 101 0.25 -3.53 18.65
N ILE A 102 -0.50 -4.63 18.77
CA ILE A 102 -1.95 -4.59 19.12
C ILE A 102 -2.16 -5.62 20.22
N ASN A 103 -2.33 -5.16 21.46
N ASN A 103 -2.41 -5.18 21.46
CA ASN A 103 -2.41 -6.05 22.66
CA ASN A 103 -2.37 -6.08 22.64
C ASN A 103 -3.86 -6.17 23.15
C ASN A 103 -3.77 -6.20 23.28
N CYS A 104 -4.33 -7.42 23.32
CA CYS A 104 -5.62 -7.67 23.99
C CYS A 104 -5.44 -8.86 24.94
N ILE A 105 -4.31 -8.85 25.64
CA ILE A 105 -3.93 -9.89 26.63
C ILE A 105 -4.17 -9.32 28.04
N GLU A 106 -4.85 -10.09 28.87
CA GLU A 106 -5.20 -9.78 30.28
C GLU A 106 -4.91 -11.04 31.11
N ASN A 107 -4.04 -10.98 32.13
CA ASN A 107 -3.83 -12.15 33.03
C ASN A 107 -3.45 -13.37 32.17
N ASN A 108 -2.58 -13.17 31.19
CA ASN A 108 -1.96 -14.26 30.39
C ASN A 108 -3.03 -15.06 29.66
N SER A 109 -4.05 -14.38 29.17
CA SER A 109 -5.00 -14.92 28.16
C SER A 109 -5.44 -13.80 27.22
N GLY A 110 -5.76 -14.15 25.98
CA GLY A 110 -6.34 -13.21 25.01
C GLY A 110 -5.69 -13.35 23.66
N TRP A 111 -5.62 -12.24 22.93
CA TRP A 111 -5.00 -12.22 21.59
C TRP A 111 -4.07 -11.00 21.47
N LYS A 112 -3.10 -11.07 20.59
CA LYS A 112 -2.27 -9.90 20.27
C LYS A 112 -1.77 -10.05 18.84
N VAL A 113 -1.52 -8.90 18.27
CA VAL A 113 -0.74 -8.81 17.02
C VAL A 113 0.64 -8.30 17.38
N SER A 114 1.68 -8.97 16.90
N SER A 114 1.65 -8.95 16.81
CA SER A 114 3.09 -8.53 17.06
CA SER A 114 3.09 -8.62 16.97
C SER A 114 3.79 -8.52 15.68
C SER A 114 3.74 -8.50 15.60
N LEU A 115 4.92 -7.82 15.59
N LEU A 115 4.90 -7.84 15.54
CA LEU A 115 5.76 -7.78 14.37
CA LEU A 115 5.73 -7.80 14.32
C LEU A 115 7.15 -8.35 14.72
C LEU A 115 7.13 -8.29 14.69
N ASN A 116 7.88 -8.73 13.70
CA ASN A 116 9.33 -8.96 13.82
C ASN A 116 9.88 -8.68 12.44
N TYR A 117 11.18 -8.85 12.26
CA TYR A 117 11.79 -8.73 10.92
C TYR A 117 11.02 -9.59 9.91
N GLY A 118 10.42 -8.96 8.91
CA GLY A 118 9.70 -9.64 7.81
C GLY A 118 8.50 -10.45 8.29
N GLU A 119 7.87 -10.08 9.41
CA GLU A 119 6.78 -10.92 9.99
C GLU A 119 5.63 -10.11 10.56
N ILE A 120 4.42 -10.64 10.38
CA ILE A 120 3.21 -10.30 11.17
C ILE A 120 2.80 -11.58 11.89
N ILE A 121 2.60 -11.49 13.21
CA ILE A 121 2.35 -12.64 14.10
C ILE A 121 1.01 -12.43 14.81
N TRP A 122 0.12 -13.40 14.69
CA TRP A 122 -1.12 -13.49 15.50
C TRP A 122 -0.93 -14.52 16.60
N THR A 123 -1.19 -14.13 17.83
CA THR A 123 -1.09 -15.02 19.00
C THR A 123 -2.45 -15.16 19.69
N LEU A 124 -2.85 -16.40 19.92
CA LEU A 124 -3.97 -16.73 20.80
C LEU A 124 -3.37 -17.42 22.02
N GLN A 125 -3.90 -17.08 23.19
CA GLN A 125 -3.45 -17.65 24.48
C GLN A 125 -4.66 -17.99 25.34
N ASP A 126 -4.85 -19.27 25.68
CA ASP A 126 -6.03 -19.66 26.50
C ASP A 126 -5.72 -19.47 27.98
N ASN A 127 -6.71 -19.72 28.84
CA ASN A 127 -6.57 -19.44 30.31
C ASN A 127 -5.76 -20.54 31.04
N LYS A 128 -5.21 -21.52 30.31
CA LYS A 128 -4.16 -22.42 30.84
C LYS A 128 -2.84 -22.15 30.12
N GLN A 129 -2.73 -20.99 29.46
CA GLN A 129 -1.51 -20.51 28.76
C GLN A 129 -1.06 -21.48 27.65
N ASN A 130 -1.97 -22.25 27.07
CA ASN A 130 -1.74 -22.88 25.75
C ASN A 130 -1.72 -21.72 24.73
N ILE A 131 -0.82 -21.73 23.75
CA ILE A 131 -0.76 -20.66 22.71
C ILE A 131 -0.86 -21.30 21.34
N GLN A 132 -1.38 -20.55 20.38
CA GLN A 132 -1.13 -20.83 18.97
C GLN A 132 -0.68 -19.52 18.31
N ARG A 133 0.40 -19.57 17.55
CA ARG A 133 0.85 -18.45 16.72
C ARG A 133 0.52 -18.77 15.27
N VAL A 134 0.07 -17.76 14.55
CA VAL A 134 -0.03 -17.80 13.07
C VAL A 134 0.85 -16.69 12.55
N VAL A 135 1.76 -17.01 11.63
CA VAL A 135 2.78 -16.03 11.20
C VAL A 135 2.70 -15.83 9.68
N PHE A 136 2.69 -14.56 9.27
CA PHE A 136 2.89 -14.17 7.86
C PHE A 136 4.32 -13.67 7.72
N LYS A 137 5.11 -14.38 6.91
CA LYS A 137 6.52 -14.02 6.65
C LYS A 137 6.61 -13.45 5.23
N TYR A 138 7.31 -12.32 5.09
CA TYR A 138 7.60 -11.72 3.77
C TYR A 138 9.10 -11.54 3.75
N SER A 139 9.71 -11.84 2.63
CA SER A 139 11.17 -11.75 2.45
C SER A 139 11.58 -10.30 2.12
N GLN A 140 12.71 -9.83 2.66
CA GLN A 140 13.35 -8.57 2.21
C GLN A 140 14.42 -8.85 1.13
N MET A 141 14.56 -10.12 0.73
CA MET A 141 15.51 -10.53 -0.34
C MET A 141 14.66 -10.89 -1.55
N VAL A 142 14.15 -9.89 -2.21
CA VAL A 142 13.24 -10.05 -3.38
C VAL A 142 13.44 -8.83 -4.25
N ASN A 143 13.31 -9.00 -5.55
CA ASN A 143 13.50 -7.91 -6.52
C ASN A 143 12.52 -6.77 -6.20
N ILE A 144 11.23 -7.05 -6.23
CA ILE A 144 10.13 -6.07 -5.99
C ILE A 144 9.15 -6.74 -5.05
N SER A 145 8.98 -6.17 -3.86
CA SER A 145 8.13 -6.75 -2.81
C SER A 145 6.70 -6.21 -2.95
N ASP A 146 5.72 -7.10 -2.83
CA ASP A 146 4.30 -6.74 -2.71
C ASP A 146 4.02 -6.11 -1.32
N TYR A 147 4.93 -6.25 -0.36
CA TYR A 147 4.62 -6.07 1.08
C TYR A 147 5.48 -4.99 1.76
N ILE A 148 6.78 -4.88 1.43
CA ILE A 148 7.68 -3.97 2.17
C ILE A 148 7.21 -2.52 1.95
N ASN A 149 6.87 -1.84 3.06
CA ASN A 149 6.50 -0.40 3.06
C ASN A 149 5.31 -0.14 2.16
N ARG A 150 4.47 -1.15 1.89
CA ARG A 150 3.25 -1.00 1.07
C ARG A 150 2.06 -1.27 1.96
N TRP A 151 1.02 -0.48 1.83
CA TRP A 151 -0.22 -0.83 2.57
C TRP A 151 -0.60 -2.29 2.29
N MET A 152 -0.94 -3.01 3.36
CA MET A 152 -1.50 -4.37 3.31
C MET A 152 -2.84 -4.35 4.02
N PHE A 153 -3.83 -5.02 3.45
CA PHE A 153 -5.09 -5.30 4.17
C PHE A 153 -4.99 -6.65 4.87
N VAL A 154 -5.06 -6.63 6.19
CA VAL A 154 -4.86 -7.83 7.01
C VAL A 154 -6.24 -8.26 7.51
N THR A 155 -6.53 -9.54 7.39
CA THR A 155 -7.74 -10.13 7.99
C THR A 155 -7.32 -11.42 8.70
N ILE A 156 -7.63 -11.52 9.98
CA ILE A 156 -7.38 -12.74 10.78
C ILE A 156 -8.73 -13.30 11.22
N THR A 157 -9.04 -14.54 10.85
CA THR A 157 -10.31 -15.18 11.23
C THR A 157 -9.96 -16.36 12.16
N ASN A 158 -10.88 -16.69 13.06
CA ASN A 158 -10.67 -17.69 14.14
C ASN A 158 -11.95 -18.50 14.27
N ASN A 159 -11.88 -19.77 13.88
CA ASN A 159 -12.98 -20.72 14.09
C ASN A 159 -12.53 -21.66 15.20
N ARG A 160 -13.20 -21.64 16.36
CA ARG A 160 -12.68 -22.34 17.58
C ARG A 160 -12.64 -23.85 17.37
N LEU A 161 -13.39 -24.39 16.41
CA LEU A 161 -13.40 -25.85 16.09
C LEU A 161 -12.30 -26.22 15.10
N THR A 162 -11.83 -25.27 14.30
CA THR A 162 -10.94 -25.57 13.15
C THR A 162 -9.64 -24.76 13.25
N LYS A 163 -9.58 -23.65 12.49
CA LYS A 163 -8.30 -22.96 12.22
C LYS A 163 -8.40 -21.46 12.52
N SER A 164 -7.24 -20.89 12.84
CA SER A 164 -6.96 -19.44 12.74
C SER A 164 -6.27 -19.20 11.37
N LYS A 165 -6.77 -18.22 10.62
CA LYS A 165 -6.32 -17.93 9.24
C LYS A 165 -5.87 -16.49 9.10
N ILE A 166 -4.76 -16.28 8.41
CA ILE A 166 -4.32 -14.90 8.05
C ILE A 166 -4.56 -14.72 6.56
N TYR A 167 -5.24 -13.61 6.24
CA TYR A 167 -5.42 -13.16 4.84
C TYR A 167 -4.61 -11.89 4.70
N ILE A 168 -3.98 -11.73 3.56
CA ILE A 168 -3.35 -10.44 3.17
C ILE A 168 -3.92 -9.99 1.84
N ASN A 169 -4.44 -8.76 1.75
CA ASN A 169 -5.02 -8.22 0.49
C ASN A 169 -6.11 -9.17 0.00
N GLY A 170 -6.87 -9.77 0.92
CA GLY A 170 -8.07 -10.58 0.62
C GLY A 170 -7.72 -12.00 0.22
N ARG A 171 -6.45 -12.38 0.27
CA ARG A 171 -6.02 -13.74 -0.16
C ARG A 171 -5.56 -14.52 1.08
N LEU A 172 -5.98 -15.78 1.20
CA LEU A 172 -5.56 -16.66 2.31
C LEU A 172 -4.07 -16.98 2.20
N ILE A 173 -3.28 -16.69 3.24
CA ILE A 173 -1.79 -16.84 3.18
C ILE A 173 -1.41 -18.09 3.97
N ASP A 174 -1.91 -18.22 5.18
CA ASP A 174 -1.71 -19.48 5.91
C ASP A 174 -2.66 -19.60 7.10
N GLN A 175 -2.51 -20.72 7.78
CA GLN A 175 -3.52 -21.20 8.73
C GLN A 175 -2.85 -22.15 9.72
N LYS A 176 -3.37 -22.18 10.93
CA LYS A 176 -2.95 -23.14 11.97
C LYS A 176 -4.18 -23.70 12.66
N PRO A 177 -4.18 -25.00 12.96
CA PRO A 177 -5.27 -25.57 13.76
C PRO A 177 -5.23 -24.98 15.17
N ILE A 178 -6.41 -24.65 15.74
CA ILE A 178 -6.56 -24.05 17.09
C ILE A 178 -7.54 -24.85 17.97
N SER A 179 -8.07 -25.99 17.52
CA SER A 179 -9.18 -26.69 18.26
C SER A 179 -8.71 -27.19 19.64
N ASN A 180 -7.42 -27.35 19.84
CA ASN A 180 -6.88 -27.78 21.15
C ASN A 180 -6.82 -26.62 22.14
N LEU A 181 -7.02 -25.36 21.73
CA LEU A 181 -7.11 -24.29 22.76
C LEU A 181 -8.41 -24.37 23.54
N GLY A 182 -8.36 -23.92 24.80
CA GLY A 182 -9.54 -23.89 25.69
C GLY A 182 -10.17 -22.51 25.75
N ASN A 183 -10.60 -22.12 26.94
CA ASN A 183 -11.29 -20.83 27.14
C ASN A 183 -10.27 -19.71 26.91
N ILE A 184 -10.59 -18.79 26.03
CA ILE A 184 -9.78 -17.57 25.80
C ILE A 184 -10.56 -16.42 26.44
N HIS A 185 -9.96 -15.75 27.39
CA HIS A 185 -10.58 -14.59 28.07
C HIS A 185 -9.70 -13.37 27.76
N ALA A 186 -10.08 -12.62 26.74
CA ALA A 186 -9.26 -11.48 26.29
C ALA A 186 -9.53 -10.29 27.22
N SER A 187 -8.81 -9.23 26.99
CA SER A 187 -8.91 -7.98 27.76
C SER A 187 -10.13 -7.17 27.31
N ASN A 188 -10.59 -6.25 28.16
CA ASN A 188 -11.56 -5.20 27.77
C ASN A 188 -10.78 -4.03 27.14
N LYS A 189 -9.45 -4.06 27.20
CA LYS A 189 -8.62 -2.97 26.61
C LYS A 189 -7.78 -3.51 25.46
N ILE A 190 -7.80 -2.79 24.33
CA ILE A 190 -6.93 -3.07 23.17
C ILE A 190 -5.91 -1.94 23.16
N MET A 191 -4.64 -2.26 23.33
CA MET A 191 -3.58 -1.24 23.34
C MET A 191 -2.82 -1.34 22.01
N PHE A 192 -2.94 -0.31 21.20
CA PHE A 192 -2.13 -0.05 19.98
C PHE A 192 -0.90 0.70 20.43
N LYS A 193 0.25 0.07 20.39
CA LYS A 193 1.51 0.64 20.91
C LYS A 193 2.64 -0.26 20.47
N LEU A 194 3.76 0.29 20.03
CA LEU A 194 4.97 -0.54 19.83
C LEU A 194 5.51 -0.92 21.20
N ASP A 195 5.51 -2.21 21.52
CA ASP A 195 5.83 -2.70 22.88
C ASP A 195 7.00 -3.68 22.75
N GLY A 196 8.17 -3.33 23.28
CA GLY A 196 9.35 -4.21 23.29
C GLY A 196 10.22 -4.05 22.06
N CYS A 197 10.03 -2.99 21.28
CA CYS A 197 10.83 -2.73 20.08
C CYS A 197 12.11 -2.00 20.49
N ARG A 198 13.26 -2.62 20.24
N ARG A 198 13.26 -2.62 20.24
CA ARG A 198 14.61 -2.08 20.60
CA ARG A 198 14.60 -2.08 20.61
C ARG A 198 15.04 -0.96 19.65
C ARG A 198 15.11 -1.05 19.60
N ASP A 199 14.39 -0.80 18.50
CA ASP A 199 14.83 0.19 17.48
C ASP A 199 14.02 1.46 17.62
N PRO A 200 14.64 2.56 18.10
CA PRO A 200 13.88 3.78 18.36
C PRO A 200 13.29 4.46 17.11
N ARG A 201 13.65 3.98 15.93
CA ARG A 201 13.20 4.58 14.64
C ARG A 201 12.07 3.78 14.03
N ARG A 202 11.67 2.63 14.61
CA ARG A 202 10.55 1.85 14.05
C ARG A 202 9.25 2.64 14.22
N TYR A 203 8.38 2.52 13.22
CA TYR A 203 7.00 3.05 13.27
C TYR A 203 6.13 2.12 12.46
N ILE A 204 4.84 2.31 12.59
CA ILE A 204 3.84 1.70 11.68
C ILE A 204 2.85 2.79 11.31
N MET A 205 2.08 2.53 10.25
CA MET A 205 0.84 3.25 9.99
C MET A 205 -0.28 2.21 9.92
N ILE A 206 -1.44 2.58 10.43
CA ILE A 206 -2.57 1.64 10.60
C ILE A 206 -3.84 2.40 10.27
N LYS A 207 -4.84 1.68 9.75
CA LYS A 207 -6.18 2.28 9.65
C LYS A 207 -7.29 1.22 9.64
N TYR A 208 -8.49 1.71 9.96
CA TYR A 208 -9.77 0.96 9.89
C TYR A 208 -9.71 -0.32 10.71
N PHE A 209 -9.21 -0.25 11.93
CA PHE A 209 -9.26 -1.44 12.81
C PHE A 209 -10.73 -1.84 13.05
N ASN A 210 -11.03 -3.13 12.83
CA ASN A 210 -12.38 -3.73 13.03
C ASN A 210 -12.26 -5.03 13.82
N LEU A 211 -13.31 -5.31 14.61
CA LEU A 211 -13.55 -6.65 15.18
C LEU A 211 -14.91 -7.16 14.74
N PHE A 212 -15.01 -8.46 14.58
CA PHE A 212 -16.25 -9.14 14.14
C PHE A 212 -16.50 -10.34 15.03
N ASP A 213 -17.78 -10.65 15.30
CA ASP A 213 -18.09 -11.76 16.24
C ASP A 213 -18.46 -13.00 15.41
N LYS A 214 -17.81 -13.20 14.28
CA LYS A 214 -17.86 -14.47 13.52
C LYS A 214 -16.53 -14.72 12.81
N GLU A 215 -16.39 -15.90 12.19
CA GLU A 215 -15.33 -16.23 11.22
C GLU A 215 -15.79 -15.67 9.87
N LEU A 216 -15.23 -14.55 9.45
CA LEU A 216 -15.57 -13.97 8.13
C LEU A 216 -15.28 -15.00 7.03
N ASN A 217 -16.13 -15.06 6.01
CA ASN A 217 -15.91 -15.94 4.85
C ASN A 217 -15.19 -15.13 3.76
N GLU A 218 -14.79 -15.80 2.68
CA GLU A 218 -13.87 -15.23 1.65
C GLU A 218 -14.58 -14.04 0.98
N LYS A 219 -15.89 -14.11 0.79
CA LYS A 219 -16.63 -13.02 0.13
C LYS A 219 -16.71 -11.82 1.07
N GLU A 220 -16.99 -12.03 2.35
CA GLU A 220 -17.08 -10.93 3.34
C GLU A 220 -15.73 -10.22 3.33
N ILE A 221 -14.65 -10.99 3.26
CA ILE A 221 -13.26 -10.43 3.34
C ILE A 221 -12.97 -9.63 2.07
N LYS A 222 -13.29 -10.18 0.89
CA LYS A 222 -13.13 -9.46 -0.40
C LYS A 222 -13.97 -8.16 -0.38
N ASP A 223 -15.21 -8.19 0.11
CA ASP A 223 -16.07 -6.98 0.12
C ASP A 223 -15.51 -5.93 1.10
N LEU A 224 -14.96 -6.37 2.21
CA LEU A 224 -14.36 -5.45 3.20
C LEU A 224 -13.13 -4.79 2.57
N TYR A 225 -12.29 -5.61 1.93
CA TYR A 225 -11.08 -5.14 1.22
C TYR A 225 -11.49 -4.00 0.26
N ASP A 226 -12.48 -4.29 -0.58
CA ASP A 226 -12.89 -3.35 -1.65
C ASP A 226 -13.53 -2.13 -1.01
N SER A 227 -14.41 -2.32 -0.02
CA SER A 227 -15.20 -1.20 0.56
C SER A 227 -14.28 -0.21 1.30
N GLN A 228 -13.09 -0.63 1.76
CA GLN A 228 -12.20 0.23 2.59
C GLN A 228 -11.07 0.79 1.75
N SER A 229 -11.06 0.55 0.43
CA SER A 229 -9.89 0.77 -0.47
C SER A 229 -9.95 2.14 -1.15
N ASN A 230 -11.00 2.94 -0.92
CA ASN A 230 -11.18 4.29 -1.56
C ASN A 230 -11.11 4.11 -3.07
N PRO A 231 -11.94 3.26 -3.67
CA PRO A 231 -11.70 2.79 -5.06
C PRO A 231 -11.74 3.85 -6.18
N GLY A 232 -12.36 5.01 -5.96
CA GLY A 232 -12.37 6.15 -6.91
C GLY A 232 -11.13 7.05 -6.78
N ILE A 233 -10.18 6.72 -5.90
CA ILE A 233 -8.90 7.46 -5.75
C ILE A 233 -7.76 6.57 -6.26
N LEU A 234 -6.89 7.11 -7.12
CA LEU A 234 -5.72 6.34 -7.62
C LEU A 234 -4.71 6.26 -6.50
N LYS A 235 -3.93 5.21 -6.49
CA LYS A 235 -2.88 4.96 -5.46
C LYS A 235 -1.51 4.94 -6.10
N ASP A 236 -0.50 5.34 -5.33
CA ASP A 236 0.92 5.18 -5.66
C ASP A 236 1.33 3.75 -5.32
N PHE A 237 2.59 3.45 -5.56
CA PHE A 237 3.19 2.11 -5.35
C PHE A 237 3.04 1.70 -3.88
N TRP A 238 3.17 2.64 -2.96
CA TRP A 238 3.13 2.39 -1.51
C TRP A 238 1.69 2.17 -1.05
N GLY A 239 0.72 2.45 -1.90
CA GLY A 239 -0.72 2.38 -1.61
C GLY A 239 -1.27 3.68 -1.05
N ASN A 240 -0.45 4.74 -0.95
CA ASN A 240 -0.91 6.09 -0.57
C ASN A 240 -1.71 6.71 -1.74
N TYR A 241 -2.48 7.75 -1.47
CA TYR A 241 -3.21 8.45 -2.56
C TYR A 241 -2.17 8.99 -3.55
N LEU A 242 -2.45 8.77 -4.84
CA LEU A 242 -1.73 9.42 -5.95
C LEU A 242 -2.00 10.92 -5.94
N GLN A 243 -0.98 11.72 -6.19
CA GLN A 243 -1.04 13.19 -6.02
C GLN A 243 -0.50 13.89 -7.25
N TYR A 244 -0.99 15.12 -7.44
CA TYR A 244 -0.49 16.08 -8.44
C TYR A 244 0.80 16.65 -7.90
N ASP A 245 1.68 17.09 -8.79
CA ASP A 245 2.88 17.89 -8.46
C ASP A 245 3.77 17.11 -7.49
N LYS A 246 3.86 15.81 -7.67
CA LYS A 246 4.74 14.94 -6.83
C LYS A 246 5.52 14.03 -7.75
N PRO A 247 6.87 14.06 -7.74
CA PRO A 247 7.65 13.31 -8.71
C PRO A 247 7.61 11.80 -8.43
N TYR A 248 7.41 11.05 -9.49
CA TYR A 248 7.22 9.59 -9.44
C TYR A 248 8.20 8.90 -10.38
N TYR A 249 8.96 7.94 -9.87
CA TYR A 249 9.70 6.95 -10.68
C TYR A 249 8.70 5.87 -11.15
N MET A 250 8.80 5.46 -12.41
CA MET A 250 7.74 4.63 -13.03
C MET A 250 8.15 3.17 -13.04
N LEU A 251 7.20 2.29 -12.73
CA LEU A 251 7.41 0.83 -12.77
C LEU A 251 6.34 0.29 -13.72
N ASN A 252 6.79 -0.40 -14.77
CA ASN A 252 5.90 -1.08 -15.71
C ASN A 252 5.68 -2.50 -15.19
N LEU A 253 4.45 -2.85 -14.88
CA LEU A 253 4.15 -4.16 -14.23
C LEU A 253 4.39 -5.36 -15.19
N PHE A 254 4.37 -5.17 -16.50
CA PHE A 254 4.70 -6.28 -17.43
C PHE A 254 6.19 -6.58 -17.39
N ASP A 255 7.05 -5.57 -17.32
CA ASP A 255 8.54 -5.66 -17.35
C ASP A 255 9.08 -4.93 -16.11
N PRO A 256 8.92 -5.47 -14.89
CA PRO A 256 9.31 -4.73 -13.69
C PRO A 256 10.84 -4.54 -13.53
N ASN A 257 11.67 -5.26 -14.30
CA ASN A 257 13.14 -5.14 -14.18
C ASN A 257 13.63 -4.07 -15.17
N LYS A 258 12.74 -3.21 -15.65
CA LYS A 258 13.13 -2.09 -16.51
C LYS A 258 12.68 -0.78 -15.89
N TYR A 259 13.20 0.29 -16.41
CA TYR A 259 12.82 1.65 -15.98
C TYR A 259 12.74 2.55 -17.23
N VAL A 260 12.02 3.65 -17.09
CA VAL A 260 11.80 4.57 -18.22
C VAL A 260 13.03 5.44 -18.43
N ASP A 261 13.41 5.60 -19.68
CA ASP A 261 14.46 6.55 -20.08
C ASP A 261 14.01 7.26 -21.35
N VAL A 262 14.64 8.38 -21.63
CA VAL A 262 14.33 9.21 -22.82
C VAL A 262 15.54 9.17 -23.76
N ASN A 263 15.32 8.74 -24.99
CA ASN A 263 16.39 8.65 -26.00
C ASN A 263 16.85 10.07 -26.34
N ASN A 264 15.92 10.92 -26.72
CA ASN A 264 16.20 12.35 -26.99
C ASN A 264 14.90 13.10 -26.71
N ILE A 265 14.98 14.38 -26.36
CA ILE A 265 13.77 15.25 -26.26
C ILE A 265 13.34 15.65 -27.66
N GLY A 266 12.09 16.11 -27.80
CA GLY A 266 11.56 16.62 -29.07
C GLY A 266 10.80 15.57 -29.82
N ILE A 267 10.13 15.98 -30.89
CA ILE A 267 9.14 15.13 -31.61
C ILE A 267 9.87 14.02 -32.35
N ARG A 268 11.18 14.14 -32.55
CA ARG A 268 11.99 13.10 -33.25
C ARG A 268 12.56 12.12 -32.22
N GLY A 269 12.41 12.37 -30.92
CA GLY A 269 12.85 11.42 -29.89
C GLY A 269 11.75 10.44 -29.48
N TYR A 270 12.10 9.58 -28.55
CA TYR A 270 11.15 8.61 -27.93
C TYR A 270 11.62 8.32 -26.51
N MET A 271 10.66 7.82 -25.75
CA MET A 271 10.85 7.22 -24.42
C MET A 271 10.81 5.70 -24.58
N TYR A 272 11.49 4.98 -23.69
CA TYR A 272 11.55 3.50 -23.78
C TYR A 272 11.86 2.92 -22.42
N LEU A 273 11.70 1.61 -22.29
CA LEU A 273 12.05 0.87 -21.07
C LEU A 273 13.44 0.29 -21.26
N LYS A 274 14.33 0.66 -20.37
CA LYS A 274 15.76 0.29 -20.34
C LYS A 274 15.92 -0.67 -19.16
N GLY A 275 16.79 -1.66 -19.26
CA GLY A 275 17.05 -2.63 -18.18
C GLY A 275 18.53 -2.96 -18.14
N PRO A 276 19.04 -3.58 -17.05
CA PRO A 276 18.25 -3.91 -15.87
C PRO A 276 18.31 -2.82 -14.80
N ARG A 277 17.45 -2.95 -13.78
CA ARG A 277 17.48 -2.10 -12.57
C ARG A 277 18.76 -2.48 -11.84
N GLY A 278 19.31 -1.56 -11.06
CA GLY A 278 20.42 -1.87 -10.15
C GLY A 278 19.90 -2.63 -8.94
N SER A 279 20.73 -2.81 -7.92
CA SER A 279 20.23 -3.38 -6.64
C SER A 279 20.71 -2.55 -5.47
N VAL A 280 19.93 -2.57 -4.38
CA VAL A 280 20.30 -2.01 -3.05
C VAL A 280 20.34 -3.17 -2.06
N MET A 281 21.31 -3.15 -1.18
CA MET A 281 21.50 -4.26 -0.22
C MET A 281 22.16 -3.77 1.05
N THR A 282 21.83 -4.44 2.14
CA THR A 282 22.57 -4.49 3.40
C THR A 282 22.67 -5.96 3.79
N THR A 283 23.90 -6.46 3.93
CA THR A 283 24.13 -7.91 4.14
C THR A 283 23.25 -8.38 5.27
N ASN A 284 22.57 -9.50 5.05
CA ASN A 284 21.68 -10.23 6.00
C ASN A 284 20.39 -9.45 6.29
N ILE A 285 20.16 -8.30 5.67
CA ILE A 285 18.96 -7.46 6.00
C ILE A 285 18.06 -7.28 4.78
N TYR A 286 18.58 -6.78 3.66
CA TYR A 286 17.75 -6.68 2.44
C TYR A 286 18.60 -6.72 1.18
N LEU A 287 17.95 -7.10 0.09
CA LEU A 287 18.52 -7.17 -1.27
C LEU A 287 17.35 -7.03 -2.25
N ASN A 288 17.24 -5.85 -2.84
CA ASN A 288 16.08 -5.45 -3.67
C ASN A 288 16.58 -4.76 -4.94
N SER A 289 15.72 -4.73 -5.95
CA SER A 289 15.93 -3.82 -7.11
C SER A 289 15.79 -2.37 -6.67
N THR A 290 16.63 -1.51 -7.24
N THR A 290 16.61 -1.53 -7.28
CA THR A 290 16.57 -0.04 -7.05
CA THR A 290 16.57 -0.06 -7.17
C THR A 290 15.26 0.47 -7.67
C THR A 290 15.22 0.44 -7.71
N LEU A 291 14.49 1.26 -6.91
N LEU A 291 14.48 1.25 -6.94
CA LEU A 291 13.20 1.84 -7.36
CA LEU A 291 13.19 1.84 -7.35
C LEU A 291 13.37 3.29 -7.82
C LEU A 291 13.36 3.28 -7.82
N TYR A 292 14.37 4.00 -7.31
CA TYR A 292 14.54 5.45 -7.57
C TYR A 292 15.44 5.57 -8.79
N MET A 293 14.96 5.06 -9.92
CA MET A 293 15.68 4.95 -11.22
C MET A 293 14.79 5.48 -12.35
N GLY A 294 15.45 6.06 -13.36
CA GLY A 294 14.82 6.46 -14.62
C GLY A 294 14.19 7.84 -14.57
N THR A 295 13.56 8.21 -15.67
CA THR A 295 12.79 9.44 -15.89
C THR A 295 11.67 9.53 -14.87
N LYS A 296 11.59 10.63 -14.16
CA LYS A 296 10.45 10.84 -13.25
C LYS A 296 9.27 11.41 -14.07
N PHE A 297 8.06 11.03 -13.69
CA PHE A 297 6.81 11.59 -14.21
C PHE A 297 6.22 12.47 -13.11
N ILE A 298 5.63 13.61 -13.52
CA ILE A 298 4.93 14.54 -12.60
C ILE A 298 3.51 14.70 -13.16
N ILE A 299 2.49 14.39 -12.37
CA ILE A 299 1.09 14.52 -12.83
C ILE A 299 0.67 16.00 -12.63
N LYS A 300 0.27 16.67 -13.72
CA LYS A 300 -0.07 18.12 -13.72
C LYS A 300 -1.58 18.29 -13.79
N LYS A 301 -2.08 19.24 -13.01
CA LYS A 301 -3.52 19.60 -13.05
C LYS A 301 -3.87 20.13 -14.44
N TYR A 302 -4.97 19.60 -14.96
CA TYR A 302 -5.63 20.09 -16.20
C TYR A 302 -7.08 20.41 -15.82
N ALA A 303 -7.94 19.41 -15.64
CA ALA A 303 -9.39 19.60 -15.39
C ALA A 303 -9.76 19.43 -13.90
N SER A 304 -8.84 18.93 -13.07
CA SER A 304 -9.06 18.82 -11.60
C SER A 304 -9.43 20.18 -11.02
N GLY A 305 -10.17 20.15 -9.90
CA GLY A 305 -10.57 21.32 -9.11
C GLY A 305 -9.49 21.69 -8.11
N ASN A 306 -9.78 22.76 -7.36
CA ASN A 306 -8.79 23.53 -6.57
C ASN A 306 -8.74 22.96 -5.15
N GLU A 307 -9.60 21.98 -4.87
CA GLU A 307 -9.94 21.58 -3.48
C GLU A 307 -8.78 20.79 -2.86
N ASP A 308 -7.98 20.07 -3.66
CA ASP A 308 -6.88 19.23 -3.12
C ASP A 308 -5.94 18.78 -4.24
N ASN A 309 -4.90 18.04 -3.88
CA ASN A 309 -3.89 17.51 -4.82
C ASN A 309 -4.08 16.01 -5.07
N ILE A 310 -5.25 15.44 -4.82
CA ILE A 310 -5.46 13.97 -4.95
C ILE A 310 -5.90 13.70 -6.39
N VAL A 311 -5.27 12.70 -7.02
CA VAL A 311 -5.62 12.25 -8.39
C VAL A 311 -6.75 11.21 -8.29
N ARG A 312 -7.90 11.51 -8.89
CA ARG A 312 -9.08 10.63 -8.85
C ARG A 312 -9.32 9.93 -10.19
N ASN A 313 -10.04 8.82 -10.12
CA ASN A 313 -10.43 8.05 -11.33
C ASN A 313 -11.15 8.99 -12.29
N ASN A 314 -10.80 8.91 -13.60
CA ASN A 314 -11.29 9.77 -14.71
C ASN A 314 -10.78 11.21 -14.70
N ASP A 315 -9.92 11.64 -13.77
CA ASP A 315 -9.31 12.99 -13.87
C ASP A 315 -8.59 13.12 -15.21
N ARG A 316 -8.83 14.24 -15.88
N ARG A 316 -8.85 14.23 -15.89
CA ARG A 316 -8.12 14.62 -17.11
CA ARG A 316 -8.12 14.62 -17.13
C ARG A 316 -6.89 15.46 -16.72
C ARG A 316 -6.90 15.45 -16.72
N VAL A 317 -5.69 14.97 -17.04
CA VAL A 317 -4.42 15.55 -16.53
C VAL A 317 -3.49 15.81 -17.70
N TYR A 318 -2.34 16.42 -17.41
CA TYR A 318 -1.12 16.35 -18.24
C TYR A 318 -0.05 15.55 -17.50
N ILE A 319 0.84 14.94 -18.26
CA ILE A 319 2.01 14.25 -17.67
C ILE A 319 3.27 15.04 -18.05
N ASN A 320 4.01 15.51 -17.06
CA ASN A 320 5.37 16.06 -17.30
C ASN A 320 6.39 14.94 -17.09
N VAL A 321 7.52 15.00 -17.83
CA VAL A 321 8.64 14.05 -17.68
C VAL A 321 9.91 14.85 -17.36
N VAL A 322 10.70 14.38 -16.40
CA VAL A 322 11.94 15.07 -15.96
C VAL A 322 13.14 14.49 -16.71
N VAL A 323 13.86 15.33 -17.43
CA VAL A 323 15.06 14.93 -18.19
C VAL A 323 16.16 15.94 -17.84
N LYS A 324 17.26 15.48 -17.23
CA LYS A 324 18.41 16.33 -16.78
C LYS A 324 17.88 17.58 -16.07
N ASN A 325 17.09 17.37 -15.02
CA ASN A 325 16.51 18.39 -14.10
C ASN A 325 15.73 19.46 -14.89
N LYS A 326 15.03 19.09 -15.96
CA LYS A 326 14.11 20.01 -16.67
C LYS A 326 12.83 19.25 -17.00
N GLU A 327 11.68 19.93 -16.95
CA GLU A 327 10.37 19.28 -17.22
C GLU A 327 9.99 19.45 -18.68
N TYR A 328 9.51 18.37 -19.27
CA TYR A 328 8.99 18.26 -20.63
C TYR A 328 7.58 17.68 -20.58
N ARG A 329 6.87 17.75 -21.68
CA ARG A 329 5.46 17.28 -21.75
C ARG A 329 5.42 15.96 -22.48
N LEU A 330 4.76 14.95 -21.91
CA LEU A 330 4.48 13.69 -22.59
C LEU A 330 3.43 13.98 -23.67
N ALA A 331 3.72 13.64 -24.92
CA ALA A 331 2.80 13.94 -26.03
C ALA A 331 3.09 13.05 -27.23
N THR A 332 2.18 13.02 -28.18
CA THR A 332 2.39 12.31 -29.47
C THR A 332 1.64 13.02 -30.59
N ASN A 333 2.06 12.78 -31.82
CA ASN A 333 1.25 13.02 -33.04
C ASN A 333 0.44 11.75 -33.35
N ALA A 334 -0.86 11.80 -33.06
CA ALA A 334 -1.84 10.71 -33.29
C ALA A 334 -1.93 10.33 -34.78
N SER A 335 -1.51 11.22 -35.70
CA SER A 335 -1.62 11.06 -37.18
C SER A 335 -0.47 10.22 -37.74
N GLN A 336 0.50 9.82 -36.92
CA GLN A 336 1.54 8.87 -37.38
C GLN A 336 0.85 7.54 -37.76
N ALA A 337 1.40 6.84 -38.75
CA ALA A 337 0.85 5.57 -39.26
C ALA A 337 0.91 4.51 -38.16
N GLY A 338 -0.15 3.71 -38.04
CA GLY A 338 -0.19 2.52 -37.17
C GLY A 338 -1.00 2.79 -35.92
N VAL A 339 -1.41 1.73 -35.25
CA VAL A 339 -2.25 1.87 -34.03
C VAL A 339 -1.36 2.44 -32.91
N GLU A 340 -0.10 2.02 -32.83
CA GLU A 340 0.83 2.47 -31.76
C GLU A 340 1.30 3.89 -32.08
N LYS A 341 1.03 4.81 -31.16
CA LYS A 341 1.52 6.21 -31.24
C LYS A 341 2.71 6.34 -30.30
N ILE A 342 3.90 6.40 -30.87
CA ILE A 342 5.16 6.56 -30.11
C ILE A 342 5.09 7.86 -29.33
N LEU A 343 5.37 7.82 -28.03
CA LEU A 343 5.36 9.01 -27.17
C LEU A 343 6.70 9.75 -27.20
N SER A 344 6.64 11.06 -27.03
CA SER A 344 7.82 11.94 -26.99
C SER A 344 7.77 12.82 -25.75
N ALA A 345 8.93 13.35 -25.39
CA ALA A 345 9.07 14.37 -24.35
C ALA A 345 9.29 15.70 -25.04
N LEU A 346 8.30 16.60 -24.98
CA LEU A 346 8.30 17.85 -25.79
C LEU A 346 8.59 19.03 -24.89
N GLU A 347 9.20 20.08 -25.44
CA GLU A 347 9.24 21.37 -24.72
C GLU A 347 7.80 21.81 -24.49
N ILE A 348 7.46 22.19 -23.26
CA ILE A 348 6.04 22.45 -22.87
C ILE A 348 5.47 23.56 -23.78
N PRO A 349 6.21 24.66 -24.05
CA PRO A 349 5.73 25.68 -25.00
C PRO A 349 5.47 25.17 -26.42
N ASP A 350 6.09 24.06 -26.83
CA ASP A 350 6.17 23.66 -28.26
C ASP A 350 5.16 22.54 -28.55
N VAL A 351 4.30 22.17 -27.60
CA VAL A 351 3.36 21.02 -27.79
C VAL A 351 2.34 21.35 -28.87
N GLY A 352 1.89 22.61 -28.92
CA GLY A 352 0.87 23.06 -29.87
C GLY A 352 -0.35 22.16 -29.86
N ASN A 353 -0.65 21.56 -31.00
CA ASN A 353 -1.90 20.80 -31.23
C ASN A 353 -1.69 19.29 -31.01
N LEU A 354 -0.48 18.87 -30.59
CA LEU A 354 -0.16 17.46 -30.30
C LEU A 354 -1.03 16.96 -29.14
N SER A 355 -1.31 15.66 -29.13
CA SER A 355 -2.15 15.02 -28.10
C SER A 355 -1.34 14.84 -26.80
N GLN A 356 -1.88 15.30 -25.66
CA GLN A 356 -1.19 15.37 -24.35
C GLN A 356 -2.20 15.13 -23.21
N VAL A 357 -3.49 15.33 -23.44
CA VAL A 357 -4.48 15.10 -22.36
C VAL A 357 -4.53 13.60 -22.02
N VAL A 358 -4.40 13.29 -20.75
CA VAL A 358 -4.43 11.91 -20.24
C VAL A 358 -5.59 11.73 -19.26
N VAL A 359 -6.38 10.69 -19.48
CA VAL A 359 -7.42 10.30 -18.50
C VAL A 359 -6.81 9.25 -17.56
N MET A 360 -6.77 9.54 -16.25
CA MET A 360 -6.17 8.62 -15.25
C MET A 360 -7.28 7.66 -14.82
N LYS A 361 -6.95 6.37 -14.65
CA LYS A 361 -7.92 5.30 -14.34
C LYS A 361 -7.41 4.41 -13.19
N SER A 362 -8.30 4.06 -12.24
CA SER A 362 -8.03 3.22 -11.04
C SER A 362 -8.90 1.97 -11.02
N ASN A 370 -8.37 -2.42 -10.72
CA ASN A 370 -7.18 -2.32 -11.62
C ASN A 370 -6.12 -1.38 -10.99
N LYS A 371 -4.84 -1.59 -11.33
CA LYS A 371 -3.63 -0.73 -11.05
C LYS A 371 -3.75 0.55 -11.91
N CYS A 372 -2.69 1.40 -12.04
CA CYS A 372 -2.85 2.70 -12.77
C CYS A 372 -2.72 2.56 -14.30
N LYS A 373 -3.66 3.19 -14.98
CA LYS A 373 -3.69 3.28 -16.45
C LYS A 373 -3.80 4.78 -16.76
N MET A 374 -3.25 5.14 -17.90
CA MET A 374 -3.22 6.49 -18.47
C MET A 374 -3.80 6.39 -19.88
N ASN A 375 -4.99 6.94 -20.14
CA ASN A 375 -5.63 6.85 -21.47
C ASN A 375 -5.41 8.15 -22.21
N LEU A 376 -4.51 8.17 -23.20
CA LEU A 376 -4.19 9.42 -23.92
C LEU A 376 -5.41 9.79 -24.79
N GLN A 377 -5.68 11.09 -24.85
CA GLN A 377 -6.82 11.70 -25.57
C GLN A 377 -6.31 12.69 -26.62
N ASP A 378 -7.05 12.84 -27.72
CA ASP A 378 -6.76 13.94 -28.69
C ASP A 378 -7.47 15.19 -28.17
N ASN A 379 -7.36 16.31 -28.86
CA ASN A 379 -7.91 17.60 -28.35
C ASN A 379 -9.42 17.68 -28.70
N ASN A 380 -9.98 16.66 -29.36
CA ASN A 380 -11.42 16.59 -29.70
C ASN A 380 -12.14 15.73 -28.67
N GLY A 381 -11.42 15.17 -27.70
CA GLY A 381 -11.99 14.30 -26.64
C GLY A 381 -12.05 12.84 -27.04
N ASN A 382 -11.42 12.42 -28.13
CA ASN A 382 -11.40 11.00 -28.57
C ASN A 382 -10.18 10.30 -27.97
N ASP A 383 -10.35 9.03 -27.60
CA ASP A 383 -9.25 8.17 -27.06
C ASP A 383 -8.19 7.93 -28.15
N ILE A 384 -6.91 8.12 -27.82
CA ILE A 384 -5.74 7.68 -28.63
C ILE A 384 -5.31 6.32 -28.08
N GLY A 385 -5.46 6.10 -26.77
CA GLY A 385 -5.32 4.76 -26.17
C GLY A 385 -4.47 4.74 -24.92
N PHE A 386 -4.47 3.60 -24.22
CA PHE A 386 -3.67 3.43 -22.99
C PHE A 386 -2.18 3.54 -23.30
N VAL A 387 -1.49 4.24 -22.42
CA VAL A 387 -0.01 4.33 -22.41
C VAL A 387 0.58 2.99 -22.00
N GLY A 388 1.45 2.44 -22.84
CA GLY A 388 2.14 1.18 -22.56
C GLY A 388 3.47 1.16 -23.30
N PHE A 389 3.80 0.02 -23.88
CA PHE A 389 5.04 -0.07 -24.67
C PHE A 389 4.82 -1.06 -25.79
N HIS A 390 5.63 -0.92 -26.82
CA HIS A 390 5.65 -1.81 -28.00
C HIS A 390 7.11 -2.12 -28.35
N LEU A 391 7.43 -3.39 -28.57
CA LEU A 391 8.80 -3.76 -29.04
C LEU A 391 8.95 -3.41 -30.52
N TYR A 392 9.86 -2.51 -30.84
CA TYR A 392 10.36 -2.21 -32.20
C TYR A 392 11.74 -2.87 -32.28
N ASP A 393 11.75 -4.14 -32.72
CA ASP A 393 12.93 -5.04 -32.56
C ASP A 393 13.22 -5.16 -31.07
N ASN A 394 14.40 -4.81 -30.57
CA ASN A 394 14.74 -4.96 -29.14
C ASN A 394 14.43 -3.68 -28.35
N ILE A 395 13.89 -2.63 -28.96
CA ILE A 395 13.62 -1.36 -28.21
C ILE A 395 12.16 -1.32 -27.77
N ALA A 396 11.89 -1.32 -26.47
CA ALA A 396 10.52 -1.25 -25.91
C ALA A 396 10.13 0.23 -25.78
N LYS A 397 9.65 0.81 -26.87
CA LYS A 397 9.27 2.25 -26.91
C LYS A 397 7.95 2.46 -26.19
N LEU A 398 7.81 3.54 -25.43
CA LEU A 398 6.49 3.89 -24.85
C LEU A 398 5.56 4.29 -26.00
N VAL A 399 4.33 3.82 -25.94
CA VAL A 399 3.29 4.08 -26.96
C VAL A 399 1.97 4.37 -26.24
N ALA A 400 1.09 5.05 -26.95
CA ALA A 400 -0.36 5.07 -26.67
C ALA A 400 -1.00 4.22 -27.76
N SER A 401 -1.85 3.29 -27.35
CA SER A 401 -2.43 2.33 -28.31
C SER A 401 -3.84 1.92 -27.90
N ASN A 402 -4.80 2.12 -28.81
CA ASN A 402 -6.20 1.69 -28.61
C ASN A 402 -6.28 0.16 -28.64
N TRP A 403 -5.20 -0.54 -28.99
CA TRP A 403 -5.10 -2.03 -28.89
C TRP A 403 -5.37 -2.47 -27.45
N TYR A 404 -4.70 -1.83 -26.49
CA TYR A 404 -4.93 -2.09 -25.05
C TYR A 404 -6.42 -1.96 -24.73
N ASN A 405 -7.03 -0.85 -25.13
CA ASN A 405 -8.44 -0.50 -24.81
C ASN A 405 -9.37 -1.57 -25.39
N ARG A 406 -9.03 -2.14 -26.56
CA ARG A 406 -9.90 -3.10 -27.28
C ARG A 406 -9.78 -4.51 -26.66
N GLN A 407 -8.72 -4.84 -25.92
CA GLN A 407 -8.45 -6.24 -25.46
C GLN A 407 -9.69 -6.80 -24.75
N ARG A 413 -4.70 -10.24 -18.10
CA ARG A 413 -4.64 -9.80 -16.68
C ARG A 413 -3.58 -8.70 -16.53
N THR A 414 -2.32 -8.99 -16.87
CA THR A 414 -1.19 -8.02 -16.84
C THR A 414 -0.69 -7.72 -18.26
N PHE A 415 -0.96 -6.49 -18.73
CA PHE A 415 -0.52 -5.92 -20.02
C PHE A 415 0.57 -4.86 -19.77
N GLY A 416 1.21 -4.42 -20.84
CA GLY A 416 2.23 -3.39 -20.78
C GLY A 416 1.63 -2.03 -20.44
N CYS A 417 0.30 -1.89 -20.33
CA CYS A 417 -0.31 -0.57 -20.04
C CYS A 417 -0.57 -0.40 -18.52
N SER A 418 -0.06 -1.30 -17.69
CA SER A 418 -0.28 -1.24 -16.23
C SER A 418 0.98 -0.68 -15.55
N TRP A 419 0.80 0.42 -14.83
CA TRP A 419 1.94 1.16 -14.23
C TRP A 419 1.76 1.27 -12.71
N GLU A 420 2.89 1.38 -12.02
CA GLU A 420 2.96 1.94 -10.66
C GLU A 420 3.78 3.24 -10.69
N PHE A 421 3.36 4.19 -9.86
CA PHE A 421 4.06 5.47 -9.61
C PHE A 421 4.77 5.40 -8.25
N ILE A 422 6.09 5.47 -8.22
CA ILE A 422 6.91 5.33 -7.00
C ILE A 422 7.52 6.68 -6.62
N PRO A 423 6.96 7.36 -5.61
CA PRO A 423 7.59 8.55 -5.05
C PRO A 423 8.65 8.10 -4.05
N VAL A 424 9.55 9.01 -3.72
CA VAL A 424 10.51 8.76 -2.62
C VAL A 424 9.68 8.65 -1.36
N ASP A 425 10.01 7.69 -0.49
CA ASP A 425 9.31 7.51 0.79
C ASP A 425 10.35 7.16 1.87
N ASP A 426 10.17 7.75 3.04
CA ASP A 426 10.94 7.55 4.30
C ASP A 426 11.13 6.06 4.60
N GLY A 427 10.10 5.25 4.34
CA GLY A 427 10.07 3.81 4.70
C GLY A 427 10.82 2.92 3.71
N TRP A 428 11.46 3.47 2.68
N TRP A 428 11.26 3.53 2.61
CA TRP A 428 12.19 2.63 1.69
CA TRP A 428 12.11 2.86 1.62
C TRP A 428 13.69 2.89 1.74
C TRP A 428 13.35 3.71 1.44
N GLY A 429 14.10 4.15 1.87
N GLY A 429 14.31 3.42 2.32
CA GLY A 429 15.38 4.62 2.42
CA GLY A 429 15.73 3.77 2.29
C GLY A 429 16.54 4.61 1.44
C GLY A 429 16.39 3.27 1.04
N GLU A 430 16.33 4.16 0.20
N GLU A 430 16.58 4.24 0.17
CA GLU A 430 17.34 4.18 -0.89
CA GLU A 430 17.36 4.19 -1.06
C GLU A 430 17.77 5.64 -1.12
C GLU A 430 17.75 5.65 -1.27
N SER A 431 19.01 5.89 -1.59
CA SER A 431 19.50 7.27 -1.92
C SER A 431 18.81 7.78 -3.19
N SER A 432 18.43 9.06 -3.16
CA SER A 432 17.84 9.81 -4.31
C SER A 432 18.70 11.06 -4.58
C2 BGC B . 5.59 -9.61 -39.94
C3 BGC B . 4.69 -9.32 -38.75
C4 BGC B . 3.44 -10.21 -38.79
C5 BGC B . 3.61 -11.64 -39.38
C6 BGC B . 2.37 -12.01 -40.21
C1 BGC B . 5.98 -11.09 -39.84
O1 BGC B . 7.10 -11.41 -40.68
O2 BGC B . 6.73 -8.72 -39.98
O3 BGC B . 4.30 -7.95 -38.75
O4 BGC B . 2.94 -10.34 -37.44
O5 BGC B . 4.80 -11.85 -40.19
O6 BGC B . 1.70 -13.13 -39.62
C1 GAL B . 1.52 -10.12 -37.35
C2 GAL B . 1.01 -10.59 -35.97
C3 GAL B . -0.48 -10.25 -35.76
C4 GAL B . -0.57 -8.75 -35.96
C5 GAL B . -0.19 -8.50 -37.44
C6 GAL B . -0.53 -7.09 -37.93
O2 GAL B . 1.30 -11.98 -35.80
O3 GAL B . -1.05 -10.62 -34.50
O4 GAL B . 0.29 -8.03 -35.03
O5 GAL B . 1.21 -8.76 -37.63
O6 GAL B . 0.60 -6.60 -38.66
C1 NGA B . -0.25 -7.33 -33.89
C2 NGA B . 0.82 -7.19 -32.79
C3 NGA B . 0.38 -6.27 -31.63
C4 NGA B . -0.16 -4.95 -32.17
C5 NGA B . -1.26 -5.30 -33.18
C6 NGA B . -1.94 -4.06 -33.70
C7 NGA B . 2.29 -9.19 -32.56
C8 NGA B . 2.46 -10.49 -31.82
N2 NGA B . 1.18 -8.50 -32.23
O3 NGA B . 1.51 -6.11 -30.77
O4 NGA B . 0.89 -4.17 -32.78
O5 NGA B . -0.69 -6.02 -34.29
O6 NGA B . -2.77 -4.49 -34.77
O7 NGA B . 3.10 -8.79 -33.39
C1 GAL B . 1.10 -5.66 -29.46
C2 GAL B . 2.04 -6.23 -28.41
C3 GAL B . 1.79 -5.65 -27.00
C4 GAL B . 1.66 -4.12 -27.05
C5 GAL B . 0.68 -3.72 -28.12
C6 GAL B . 0.54 -2.19 -28.24
O2 GAL B . 1.88 -7.67 -28.41
O3 GAL B . 2.89 -6.01 -26.16
O4 GAL B . 2.95 -3.59 -27.32
O5 GAL B . 1.08 -4.23 -29.40
O6 GAL B . -0.36 -1.87 -29.31
C1 SIA B . 1.81 -5.62 -23.94
C2 SIA B . 2.60 -6.56 -24.86
C3 SIA B . 3.97 -6.68 -24.18
C4 SIA B . 4.85 -7.76 -24.76
C5 SIA B . 4.04 -8.74 -25.60
C6 SIA B . 2.70 -9.02 -24.90
C7 SIA B . 1.92 -10.17 -25.55
C8 SIA B . 0.44 -10.35 -25.15
C9 SIA B . 0.17 -10.21 -23.66
C10 SIA B . 5.73 -10.14 -26.75
C11 SIA B . 5.55 -9.40 -28.06
N5 SIA B . 4.82 -9.96 -25.80
O1A SIA B . 0.87 -6.02 -23.27
O1B SIA B . 2.15 -4.46 -23.87
O4 SIA B . 5.91 -7.17 -25.52
O6 SIA B . 1.89 -7.82 -24.95
O7 SIA B . 1.93 -10.01 -26.98
O8 SIA B . -0.35 -9.40 -25.84
O9 SIA B . 1.13 -10.94 -22.91
O10 SIA B . 6.67 -10.91 -26.57
O1 P6G C . 1.33 11.16 10.08
C2 P6G C . 2.49 11.63 9.37
C3 P6G C . 2.91 10.66 8.27
O4 P6G C . 4.33 10.74 8.00
C5 P6G C . 4.99 9.54 7.62
C6 P6G C . 6.47 9.64 7.20
O7 P6G C . 7.41 9.60 8.30
C8 P6G C . 7.67 8.33 8.80
C9 P6G C . 8.48 8.49 10.04
O10 P6G C . 7.95 9.43 10.96
C11 P6G C . 8.50 9.09 12.16
C12 P6G C . 8.51 10.32 12.97
O13 P6G C . 7.20 10.69 13.27
C14 P6G C . 7.19 12.00 13.89
C15 P6G C . 5.86 12.72 13.71
O16 P6G C . 5.76 13.03 12.36
C17 P6G C . 4.61 13.83 12.08
C18 P6G C . 4.92 14.66 10.85
O19 P6G C . 4.25 14.08 9.73
C1 EDO D . -13.51 -7.71 31.23
O1 EDO D . -12.75 -6.73 31.91
C2 EDO D . -13.69 -8.99 31.98
O2 EDO D . -14.38 -10.01 31.28
C ACT E . -12.58 -9.40 20.76
O ACT E . -12.39 -9.79 19.57
OXT ACT E . -11.66 -9.25 21.58
CH3 ACT E . -14.03 -9.10 21.23
C1 EDO F . 14.80 2.92 22.96
O1 EDO F . 15.89 2.10 22.60
C2 EDO F . 13.47 2.30 22.65
O2 EDO F . 12.38 3.18 22.90
C1 PEG G . 7.20 -10.18 -1.81
O1 PEG G . 6.40 -10.06 -2.98
C2 PEG G . 7.61 -11.60 -1.46
O2 PEG G . 7.54 -11.86 -0.04
C3 PEG G . 7.99 -13.16 0.32
C4 PEG G . 7.11 -13.97 1.32
O4 PEG G . 5.70 -13.65 1.37
C1 PEG H . 17.63 -8.17 -6.73
O1 PEG H . 18.72 -7.31 -6.46
C2 PEG H . 16.98 -8.68 -5.47
O2 PEG H . 16.59 -10.05 -5.63
C3 PEG H . 17.39 -10.97 -4.89
C4 PEG H . 16.96 -12.38 -5.21
O4 PEG H . 16.30 -13.02 -4.12
#